data_3MCX
#
_entry.id   3MCX
#
_cell.length_a   107.161
_cell.length_b   147.472
_cell.length_c   73.434
_cell.angle_alpha   90.000
_cell.angle_beta   90.000
_cell.angle_gamma   90.000
#
_symmetry.space_group_name_H-M   'C 2 2 21'
#
loop_
_entity.id
_entity.type
_entity.pdbx_description
1 polymer 'SusD superfamily protein'
2 non-polymer 'ZINC ION'
3 non-polymer 'ACETATE ION'
4 non-polymer GLYCEROL
5 water water
#
_entity_poly.entity_id   1
_entity_poly.type   'polypeptide(L)'
_entity_poly.pdbx_seq_one_letter_code
;GDWLDLNTTSSVETGQAIVTLDDAQIALNGIYRLASGHSYYGDNYWYYGDCRAADVQARITKGDGKRVSPYYEYNVLASD
NLNIVLPWNTVYKVIRQTNNLIQKIESGSIQSSDTKELNRIKSEALV(MSE)RGLSLFNLTRLFG(MSE)PYTNDKGASL
GVPIETSPSDPTHKPSRSTVAQCYEQVVSD(MSE)SNALSGLRQETSNGYINYWAAQALLSRVYLN(MSE)GEYQKAYDA
ATDVIKNNGGRYQLYSYEEYPNVWGQDFQSESLFELYITLSEPSGGTGGEGAP(MSE)VYANEATVDWNNLILSEDFLNL
LNEDPKDVRHCLTKESVIENNTGLPAAA(MSE)HEKVYLAKFPGKTGDDPKTNNICIIRLSEVYLNAAEAGLKKGTDIEE
AQGYLNDIISRRTTDTSQQVSTETFTLDRILKERRKELVGEGEVFYDYLRNGLAIERKGSWHLETLKASNAQKIEATDLR
IALPIPQSEIDANPNIQQNPR
;
_entity_poly.pdbx_strand_id   A
#
# COMPACT_ATOMS: atom_id res chain seq x y z
N VAL A 19 -3.50 29.38 -14.28
CA VAL A 19 -4.38 30.50 -14.65
C VAL A 19 -5.86 30.10 -14.48
N THR A 20 -6.29 29.01 -15.12
CA THR A 20 -7.71 28.65 -15.14
C THR A 20 -8.00 27.46 -14.24
N LEU A 21 -9.28 27.24 -13.94
CA LEU A 21 -9.72 26.07 -13.22
C LEU A 21 -9.22 24.81 -13.93
N ASP A 22 -9.33 24.78 -15.27
CA ASP A 22 -8.88 23.58 -15.99
CA ASP A 22 -8.86 23.63 -16.05
C ASP A 22 -7.37 23.38 -15.83
N ASP A 23 -6.59 24.46 -15.82
CA ASP A 23 -5.15 24.36 -15.55
C ASP A 23 -4.88 23.75 -14.17
N ALA A 24 -5.67 24.15 -13.17
CA ALA A 24 -5.54 23.55 -11.85
C ALA A 24 -5.85 22.05 -11.84
N GLN A 25 -6.91 21.67 -12.55
CA GLN A 25 -7.23 20.25 -12.69
C GLN A 25 -6.10 19.46 -13.39
N ILE A 26 -5.56 20.05 -14.45
CA ILE A 26 -4.43 19.43 -15.16
C ILE A 26 -3.23 19.24 -14.21
N ALA A 27 -2.94 20.24 -13.37
CA ALA A 27 -1.91 20.07 -12.35
C ALA A 27 -2.19 18.92 -11.40
N LEU A 28 -3.43 18.83 -10.92
CA LEU A 28 -3.81 17.72 -10.05
C LEU A 28 -3.69 16.37 -10.79
N ASN A 29 -4.14 16.35 -12.05
CA ASN A 29 -4.00 15.11 -12.82
C ASN A 29 -2.54 14.70 -12.88
N GLY A 30 -1.64 15.67 -13.01
CA GLY A 30 -0.22 15.40 -13.02
C GLY A 30 0.32 14.80 -11.73
N ILE A 31 -0.23 15.24 -10.59
CA ILE A 31 0.14 14.68 -9.31
C ILE A 31 -0.27 13.19 -9.22
N TYR A 32 -1.51 12.89 -9.62
CA TYR A 32 -1.94 11.49 -9.64
C TYR A 32 -1.09 10.65 -10.58
N ARG A 33 -0.74 11.20 -11.73
CA ARG A 33 0.09 10.49 -12.72
C ARG A 33 1.47 10.21 -12.14
N LEU A 34 2.07 11.19 -11.47
CA LEU A 34 3.37 10.99 -10.83
C LEU A 34 3.29 9.91 -9.76
N ALA A 35 2.22 9.91 -8.98
CA ALA A 35 2.02 8.91 -7.94
C ALA A 35 1.90 7.51 -8.52
N SER A 36 1.37 7.40 -9.74
CA SER A 36 1.20 6.10 -10.37
C SER A 36 2.49 5.61 -11.04
N GLY A 37 3.50 6.49 -11.09
CA GLY A 37 4.69 6.23 -11.81
C GLY A 37 5.75 5.39 -11.10
N HIS A 38 6.79 5.11 -11.86
CA HIS A 38 7.94 4.43 -11.35
C HIS A 38 8.49 5.16 -10.12
N SER A 39 8.84 4.36 -9.12
CA SER A 39 9.47 4.79 -7.87
C SER A 39 8.46 5.27 -6.85
N TYR A 40 7.19 5.40 -7.23
CA TYR A 40 6.14 5.62 -6.27
C TYR A 40 5.21 4.38 -6.25
N TYR A 41 3.94 4.52 -6.59
CA TYR A 41 3.04 3.37 -6.49
C TYR A 41 3.17 2.40 -7.68
N GLY A 42 3.85 2.78 -8.75
CA GLY A 42 4.12 1.83 -9.84
C GLY A 42 4.80 0.56 -9.37
N ASP A 43 5.67 0.67 -8.36
CA ASP A 43 6.58 -0.42 -7.99
C ASP A 43 7.00 -0.36 -6.53
N ASN A 44 7.95 0.50 -6.16
CA ASN A 44 8.53 0.40 -4.83
C ASN A 44 7.51 0.44 -3.69
N TYR A 45 6.56 1.38 -3.73
CA TYR A 45 5.58 1.50 -2.63
C TYR A 45 4.44 0.47 -2.75
N TRP A 46 4.38 -0.22 -3.88
CA TRP A 46 3.41 -1.29 -4.09
C TRP A 46 3.93 -2.56 -3.43
N TYR A 47 5.12 -3.00 -3.79
CA TYR A 47 5.58 -4.31 -3.32
C TYR A 47 6.43 -4.29 -2.06
N TYR A 48 6.86 -3.10 -1.57
CA TYR A 48 7.62 -3.04 -0.32
C TYR A 48 6.94 -3.75 0.83
N GLY A 49 5.66 -3.49 1.02
CA GLY A 49 4.93 -4.04 2.15
C GLY A 49 4.60 -5.51 2.03
N ASP A 50 4.91 -6.13 0.90
CA ASP A 50 4.82 -7.57 0.74
C ASP A 50 6.19 -8.24 0.88
N CYS A 51 7.20 -7.79 0.16
CA CYS A 51 8.49 -8.48 0.21
C CYS A 51 9.24 -8.34 1.52
N ARG A 52 8.82 -7.39 2.37
CA ARG A 52 9.41 -7.21 3.68
C ARG A 52 8.82 -8.17 4.73
N ALA A 53 7.72 -8.83 4.40
CA ALA A 53 7.06 -9.77 5.31
C ALA A 53 7.45 -11.20 4.91
N ALA A 54 6.57 -12.18 5.03
CA ALA A 54 6.95 -13.59 4.89
C ALA A 54 6.28 -14.37 3.76
N ASP A 55 5.31 -13.73 3.11
CA ASP A 55 4.45 -14.38 2.13
C ASP A 55 4.88 -14.19 0.69
N VAL A 56 5.52 -13.06 0.39
CA VAL A 56 6.00 -12.73 -0.95
C VAL A 56 7.49 -12.55 -0.81
N GLN A 57 8.26 -13.28 -1.62
CA GLN A 57 9.72 -13.26 -1.54
C GLN A 57 10.33 -12.89 -2.88
N ALA A 58 11.59 -12.48 -2.87
CA ALA A 58 12.33 -12.45 -4.14
C ALA A 58 12.42 -13.85 -4.71
N ARG A 59 12.43 -13.92 -6.04
CA ARG A 59 12.75 -15.14 -6.73
C ARG A 59 14.25 -15.46 -6.76
N ILE A 60 15.04 -14.39 -6.93
CA ILE A 60 16.45 -14.46 -7.12
C ILE A 60 17.09 -13.21 -6.47
N THR A 61 18.29 -13.40 -5.92
CA THR A 61 19.01 -12.25 -5.41
C THR A 61 19.63 -11.50 -6.59
N LYS A 62 19.56 -10.17 -6.53
CA LYS A 62 20.12 -9.32 -7.59
C LYS A 62 21.19 -8.33 -7.10
N GLY A 63 21.39 -8.25 -5.80
CA GLY A 63 22.36 -7.32 -5.23
C GLY A 63 21.86 -5.87 -5.14
N ASP A 64 22.75 -5.03 -4.67
CA ASP A 64 22.44 -3.62 -4.43
C ASP A 64 21.99 -2.92 -5.72
N GLY A 65 20.98 -2.06 -5.59
CA GLY A 65 20.59 -1.20 -6.71
C GLY A 65 19.68 -1.87 -7.72
N LYS A 66 19.24 -3.10 -7.40
CA LYS A 66 18.40 -3.89 -8.28
CA LYS A 66 18.39 -3.89 -8.28
C LYS A 66 17.13 -4.28 -7.54
N ARG A 67 16.15 -4.83 -8.26
CA ARG A 67 14.80 -4.88 -7.73
C ARG A 67 14.58 -5.98 -6.70
N VAL A 68 13.82 -5.59 -5.68
CA VAL A 68 13.23 -6.45 -4.67
C VAL A 68 14.20 -6.97 -3.60
N SER A 69 15.27 -7.60 -4.03
CA SER A 69 16.10 -8.33 -3.10
C SER A 69 16.72 -7.48 -1.97
N PRO A 70 17.15 -6.24 -2.22
CA PRO A 70 17.70 -5.49 -1.10
C PRO A 70 16.69 -5.20 0.00
N TYR A 71 15.42 -5.02 -0.35
CA TYR A 71 14.35 -4.92 0.65
C TYR A 71 14.14 -6.26 1.37
N TYR A 72 13.92 -7.29 0.58
CA TYR A 72 13.63 -8.64 1.09
C TYR A 72 14.71 -9.14 2.03
N GLU A 73 15.98 -8.87 1.71
CA GLU A 73 17.14 -9.30 2.48
C GLU A 73 17.50 -8.34 3.63
N TYR A 74 16.79 -7.22 3.75
CA TYR A 74 17.09 -6.24 4.82
C TYR A 74 18.53 -5.81 4.82
N ASN A 75 19.08 -5.59 3.63
CA ASN A 75 20.46 -5.17 3.50
C ASN A 75 20.65 -3.90 2.62
N VAL A 76 19.56 -3.31 2.21
CA VAL A 76 19.59 -2.13 1.36
C VAL A 76 20.39 -0.99 2.00
N LEU A 77 21.23 -0.32 1.21
CA LEU A 77 22.12 0.74 1.64
C LEU A 77 21.59 2.12 1.29
N ALA A 78 22.09 3.13 2.00
CA ALA A 78 21.73 4.53 1.75
C ALA A 78 22.08 5.02 0.37
N SER A 79 23.01 4.33 -0.29
CA SER A 79 23.45 4.67 -1.63
C SER A 79 22.56 4.07 -2.74
N ASP A 80 21.55 3.28 -2.41
CA ASP A 80 20.81 2.53 -3.43
C ASP A 80 19.88 3.47 -4.22
N ASN A 81 20.18 3.68 -5.50
CA ASN A 81 19.39 4.62 -6.27
C ASN A 81 17.97 4.13 -6.51
N LEU A 82 17.85 2.89 -7.00
CA LEU A 82 16.56 2.33 -7.29
C LEU A 82 15.65 2.25 -6.07
N ASN A 83 16.24 1.88 -4.93
CA ASN A 83 15.42 1.51 -3.79
C ASN A 83 15.35 2.51 -2.66
N ILE A 84 16.21 3.50 -2.68
CA ILE A 84 16.25 4.51 -1.62
C ILE A 84 16.17 5.92 -2.19
N VAL A 85 17.09 6.29 -3.07
CA VAL A 85 17.11 7.65 -3.58
C VAL A 85 15.83 7.96 -4.38
N LEU A 86 15.48 7.10 -5.32
CA LEU A 86 14.32 7.39 -6.16
C LEU A 86 13.00 7.39 -5.35
N PRO A 87 12.76 6.37 -4.50
CA PRO A 87 11.51 6.43 -3.74
C PRO A 87 11.36 7.61 -2.81
N TRP A 88 12.45 8.06 -2.23
CA TRP A 88 12.44 9.27 -1.41
C TRP A 88 12.15 10.50 -2.26
N ASN A 89 12.94 10.69 -3.32
CA ASN A 89 12.87 11.91 -4.10
C ASN A 89 11.53 12.00 -4.84
N THR A 90 11.02 10.86 -5.28
CA THR A 90 9.78 10.87 -6.07
C THR A 90 8.60 11.27 -5.20
N VAL A 91 8.52 10.73 -3.97
CA VAL A 91 7.41 11.11 -3.09
C VAL A 91 7.52 12.56 -2.68
N TYR A 92 8.74 13.04 -2.42
CA TYR A 92 8.91 14.46 -2.12
C TYR A 92 8.52 15.36 -3.31
N LYS A 93 8.76 14.89 -4.53
CA LYS A 93 8.32 15.65 -5.71
C LYS A 93 6.80 15.78 -5.71
N VAL A 94 6.10 14.69 -5.42
CA VAL A 94 4.64 14.75 -5.32
C VAL A 94 4.25 15.74 -4.21
N ILE A 95 4.88 15.69 -3.05
CA ILE A 95 4.54 16.62 -1.96
C ILE A 95 4.74 18.06 -2.41
N ARG A 96 5.86 18.31 -3.05
CA ARG A 96 6.13 19.66 -3.54
CA ARG A 96 6.13 19.66 -3.54
C ARG A 96 5.08 20.15 -4.52
N GLN A 97 4.66 19.28 -5.42
CA GLN A 97 3.62 19.65 -6.36
C GLN A 97 2.28 19.92 -5.66
N THR A 98 1.93 19.10 -4.67
CA THR A 98 0.72 19.37 -3.89
C THR A 98 0.81 20.73 -3.19
N ASN A 99 1.98 21.06 -2.66
CA ASN A 99 2.14 22.34 -1.98
C ASN A 99 2.02 23.52 -2.93
N ASN A 100 2.62 23.40 -4.11
CA ASN A 100 2.51 24.43 -5.13
C ASN A 100 1.05 24.67 -5.58
N LEU A 101 0.32 23.56 -5.76
CA LEU A 101 -1.06 23.64 -6.20
C LEU A 101 -1.96 24.24 -5.11
N ILE A 102 -1.82 23.72 -3.88
CA ILE A 102 -2.58 24.27 -2.77
C ILE A 102 -2.31 25.75 -2.57
N GLN A 103 -1.04 26.14 -2.64
CA GLN A 103 -0.70 27.55 -2.50
C GLN A 103 -1.27 28.43 -3.63
N LYS A 104 -1.20 27.92 -4.87
CA LYS A 104 -1.77 28.64 -5.99
C LYS A 104 -3.28 28.88 -5.79
N ILE A 105 -3.98 27.84 -5.35
CA ILE A 105 -5.43 27.98 -5.06
C ILE A 105 -5.67 29.02 -3.93
N GLU A 106 -4.92 28.87 -2.85
CA GLU A 106 -5.13 29.74 -1.69
C GLU A 106 -4.71 31.17 -1.90
N SER A 107 -3.80 31.42 -2.83
CA SER A 107 -3.32 32.76 -3.10
C SER A 107 -4.31 33.60 -3.91
N GLY A 108 -5.38 32.97 -4.40
CA GLY A 108 -6.44 33.68 -5.11
C GLY A 108 -6.12 34.07 -6.54
N SER A 109 -5.01 33.53 -7.03
N SER A 109 -4.99 33.69 -7.08
CA SER A 109 -4.43 33.83 -8.36
CA SER A 109 -4.72 34.15 -8.43
C SER A 109 -4.79 32.77 -9.42
C SER A 109 -5.33 33.24 -9.51
N ILE A 110 -5.86 32.04 -9.16
CA ILE A 110 -6.51 31.22 -10.19
C ILE A 110 -7.76 31.98 -10.65
N GLN A 111 -7.85 32.19 -11.95
CA GLN A 111 -8.93 32.99 -12.53
C GLN A 111 -10.21 32.16 -12.65
N SER A 112 -10.81 31.84 -11.49
CA SER A 112 -12.05 31.08 -11.44
C SER A 112 -12.86 31.50 -10.22
N SER A 113 -14.18 31.60 -10.37
CA SER A 113 -15.09 31.82 -9.26
C SER A 113 -15.73 30.52 -8.75
N ASP A 114 -15.33 29.37 -9.30
CA ASP A 114 -15.96 28.09 -8.95
C ASP A 114 -15.31 27.53 -7.67
N THR A 115 -15.78 28.06 -6.55
CA THR A 115 -15.21 27.75 -5.24
CA THR A 115 -15.16 27.75 -5.26
C THR A 115 -15.30 26.28 -4.88
N LYS A 116 -16.42 25.66 -5.22
CA LYS A 116 -16.64 24.26 -4.94
C LYS A 116 -15.61 23.37 -5.66
N GLU A 117 -15.34 23.69 -6.92
CA GLU A 117 -14.37 22.91 -7.68
C GLU A 117 -12.95 23.21 -7.21
N LEU A 118 -12.65 24.49 -6.94
CA LEU A 118 -11.32 24.84 -6.39
C LEU A 118 -11.08 24.11 -5.07
N ASN A 119 -12.11 24.04 -4.25
CA ASN A 119 -11.99 23.37 -2.98
CA ASN A 119 -12.04 23.37 -2.95
C ASN A 119 -11.86 21.85 -3.11
N ARG A 120 -12.50 21.28 -4.12
CA ARG A 120 -12.36 19.85 -4.37
C ARG A 120 -10.92 19.51 -4.79
N ILE A 121 -10.41 20.29 -5.75
CA ILE A 121 -9.04 20.10 -6.20
C ILE A 121 -8.06 20.27 -5.04
N LYS A 122 -8.28 21.31 -4.22
CA LYS A 122 -7.43 21.51 -3.03
C LYS A 122 -7.50 20.31 -2.07
N SER A 123 -8.71 19.81 -1.87
CA SER A 123 -8.91 18.70 -0.95
C SER A 123 -8.25 17.41 -1.42
N GLU A 124 -8.39 17.10 -2.70
CA GLU A 124 -7.68 15.97 -3.27
C GLU A 124 -6.15 16.10 -3.14
N ALA A 125 -5.64 17.31 -3.42
CA ALA A 125 -4.22 17.57 -3.21
C ALA A 125 -3.80 17.34 -1.74
N LEU A 126 -4.65 17.77 -0.81
CA LEU A 126 -4.39 17.58 0.62
C LEU A 126 -4.32 16.13 0.98
N VAL A 127 -5.23 15.32 0.45
CA VAL A 127 -5.19 13.89 0.74
C VAL A 127 -3.90 13.28 0.17
N ARG A 129 -1.10 14.83 -0.34
CA ARG A 129 0.02 15.29 0.51
C ARG A 129 0.14 14.44 1.79
N GLY A 130 -0.98 14.19 2.42
CA GLY A 130 -1.00 13.37 3.63
C GLY A 130 -0.60 11.94 3.37
N LEU A 131 -1.15 11.37 2.29
CA LEU A 131 -0.80 10.00 1.92
C LEU A 131 0.70 9.87 1.61
N SER A 132 1.24 10.87 0.92
CA SER A 132 2.65 10.86 0.57
C SER A 132 3.53 10.91 1.82
N LEU A 133 3.22 11.81 2.76
CA LEU A 133 4.01 11.92 3.99
C LEU A 133 3.89 10.59 4.76
N PHE A 134 2.70 9.99 4.82
CA PHE A 134 2.51 8.69 5.47
C PHE A 134 3.42 7.63 4.87
N ASN A 135 3.43 7.56 3.54
CA ASN A 135 4.28 6.59 2.83
C ASN A 135 5.75 6.75 3.16
N LEU A 136 6.24 7.99 3.17
CA LEU A 136 7.64 8.22 3.55
C LEU A 136 7.91 7.80 5.01
N THR A 137 6.99 8.16 5.89
CA THR A 137 7.19 7.96 7.30
C THR A 137 7.26 6.46 7.61
N ARG A 138 6.42 5.67 6.95
CA ARG A 138 6.38 4.26 7.28
C ARG A 138 7.55 3.49 6.66
N LEU A 139 8.19 4.03 5.60
CA LEU A 139 9.41 3.40 5.06
C LEU A 139 10.64 3.80 5.84
N PHE A 140 10.76 5.08 6.19
CA PHE A 140 12.01 5.63 6.68
C PHE A 140 12.04 5.87 8.19
N GLY A 141 10.95 5.49 8.88
CA GLY A 141 10.80 5.68 10.34
C GLY A 141 10.38 4.37 10.98
N PRO A 143 8.20 1.96 13.41
CA PRO A 143 6.74 1.96 13.55
C PRO A 143 6.28 2.83 14.72
N TYR A 144 5.24 3.62 14.42
CA TYR A 144 4.67 4.50 15.44
C TYR A 144 4.40 3.77 16.76
N THR A 145 3.81 2.59 16.65
CA THR A 145 3.36 1.87 17.85
C THR A 145 4.46 1.30 18.69
N ASN A 146 5.71 1.32 18.22
CA ASN A 146 6.81 0.93 19.09
C ASN A 146 7.01 1.88 20.28
N ASP A 147 6.67 3.15 20.09
CA ASP A 147 7.13 4.20 21.00
C ASP A 147 6.28 5.49 20.90
N LYS A 148 5.00 5.34 20.56
CA LYS A 148 4.12 6.51 20.32
C LYS A 148 4.78 7.53 19.38
N GLY A 149 5.44 7.02 18.35
CA GLY A 149 6.08 7.85 17.35
C GLY A 149 7.20 8.73 17.83
N ALA A 150 7.86 8.38 18.93
CA ALA A 150 8.91 9.22 19.47
C ALA A 150 10.14 9.35 18.59
N SER A 151 10.46 8.30 17.85
CA SER A 151 11.68 8.26 17.06
C SER A 151 11.55 9.13 15.78
N LEU A 152 12.65 9.28 15.04
CA LEU A 152 12.64 10.18 13.87
C LEU A 152 11.86 9.65 12.68
N GLY A 153 11.06 10.55 12.10
CA GLY A 153 10.32 10.30 10.90
C GLY A 153 11.07 10.91 9.72
N VAL A 154 10.42 11.79 8.98
CA VAL A 154 11.01 12.46 7.84
C VAL A 154 10.74 13.95 7.89
N PRO A 155 11.37 14.75 7.02
CA PRO A 155 11.05 16.16 6.99
C PRO A 155 9.61 16.46 6.52
N ILE A 156 9.02 17.44 7.17
CA ILE A 156 7.67 17.86 6.86
C ILE A 156 7.68 19.17 6.09
N GLU A 157 7.11 19.09 4.88
CA GLU A 157 6.88 20.29 4.04
C GLU A 157 5.39 20.56 3.80
N THR A 158 4.91 21.73 4.21
CA THR A 158 3.50 22.09 4.00
C THR A 158 3.33 23.45 3.28
N SER A 159 4.41 23.93 2.70
CA SER A 159 4.41 25.17 1.95
C SER A 159 5.41 24.96 0.82
N PRO A 160 5.36 25.81 -0.22
CA PRO A 160 6.36 25.63 -1.27
C PRO A 160 7.78 25.66 -0.71
N SER A 161 8.67 24.85 -1.29
CA SER A 161 10.00 24.63 -0.77
C SER A 161 10.82 25.90 -0.55
N ASP A 162 11.32 26.06 0.68
CA ASP A 162 12.30 27.08 1.01
C ASP A 162 13.69 26.46 0.70
N PRO A 163 14.24 26.66 -0.51
CA PRO A 163 15.39 25.80 -0.85
C PRO A 163 16.72 26.31 -0.25
N THR A 164 16.70 27.50 0.35
CA THR A 164 17.77 27.97 1.23
C THR A 164 17.79 27.22 2.57
N HIS A 165 16.63 26.66 2.90
N HIS A 165 16.65 26.71 3.04
CA HIS A 165 16.30 26.07 4.19
CA HIS A 165 16.59 26.30 4.44
C HIS A 165 16.67 24.61 4.23
C HIS A 165 16.41 24.80 4.67
N LYS A 166 17.51 24.22 5.18
CA LYS A 166 17.76 22.80 5.39
C LYS A 166 16.96 22.26 6.56
N PRO A 167 15.82 21.60 6.30
CA PRO A 167 15.01 21.18 7.44
C PRO A 167 15.56 19.98 8.18
N SER A 168 14.88 19.63 9.23
CA SER A 168 15.31 18.49 9.98
C SER A 168 14.21 17.47 9.86
N ARG A 169 14.53 16.23 10.20
CA ARG A 169 13.52 15.20 10.29
C ARG A 169 12.63 15.54 11.49
N SER A 170 11.34 15.48 11.28
CA SER A 170 10.35 15.57 12.37
C SER A 170 10.23 14.19 12.98
N THR A 171 9.59 14.07 14.14
CA THR A 171 9.37 12.72 14.69
C THR A 171 8.31 11.98 13.93
N VAL A 172 8.27 10.66 14.08
CA VAL A 172 7.20 9.88 13.51
C VAL A 172 5.83 10.39 13.94
N ALA A 173 5.67 10.73 15.22
CA ALA A 173 4.38 11.25 15.69
C ALA A 173 4.02 12.59 15.03
N GLN A 174 4.99 13.50 14.88
CA GLN A 174 4.74 14.76 14.22
C GLN A 174 4.30 14.55 12.79
N CYS A 175 4.92 13.56 12.14
CA CYS A 175 4.54 13.21 10.78
C CYS A 175 3.13 12.69 10.72
N TYR A 176 2.79 11.73 11.59
CA TYR A 176 1.41 11.22 11.61
C TYR A 176 0.37 12.33 11.90
N GLU A 177 0.71 13.25 12.80
CA GLU A 177 -0.20 14.39 13.08
C GLU A 177 -0.50 15.14 11.79
N GLN A 178 0.54 15.36 10.99
CA GLN A 178 0.33 16.12 9.73
C GLN A 178 -0.47 15.31 8.71
N VAL A 179 -0.22 13.99 8.66
CA VAL A 179 -0.98 13.13 7.78
C VAL A 179 -2.47 13.18 8.10
N VAL A 180 -2.77 12.99 9.38
CA VAL A 180 -4.15 13.01 9.88
C VAL A 180 -4.80 14.36 9.63
N SER A 181 -4.08 15.44 9.89
CA SER A 181 -4.59 16.77 9.63
CA SER A 181 -4.63 16.76 9.64
C SER A 181 -4.98 16.96 8.15
N ASP A 182 -4.06 16.62 7.25
CA ASP A 182 -4.29 16.80 5.82
C ASP A 182 -5.51 16.01 5.34
N SER A 184 -7.99 14.72 7.16
CA SER A 184 -9.20 15.15 7.85
C SER A 184 -9.71 16.50 7.33
N ASN A 185 -8.79 17.44 7.14
CA ASN A 185 -9.13 18.78 6.65
C ASN A 185 -9.66 18.73 5.21
N ALA A 186 -9.27 17.70 4.47
CA ALA A 186 -9.74 17.48 3.10
C ALA A 186 -11.20 17.02 3.02
N LEU A 187 -11.70 16.32 4.02
CA LEU A 187 -12.93 15.53 3.83
C LEU A 187 -14.14 16.30 3.31
N SER A 188 -14.39 17.47 3.88
CA SER A 188 -15.62 18.20 3.52
C SER A 188 -15.62 18.73 2.07
N GLY A 189 -14.45 18.87 1.47
CA GLY A 189 -14.34 19.30 0.09
C GLY A 189 -14.34 18.21 -0.95
N LEU A 190 -14.21 16.95 -0.55
CA LEU A 190 -14.12 15.81 -1.50
C LEU A 190 -15.50 15.42 -2.02
N ARG A 191 -15.51 14.81 -3.19
CA ARG A 191 -16.72 14.25 -3.77
CA ARG A 191 -16.74 14.27 -3.76
C ARG A 191 -17.30 13.17 -2.88
N GLN A 192 -18.63 13.10 -2.82
CA GLN A 192 -19.35 11.99 -2.18
C GLN A 192 -19.61 10.86 -3.19
N GLU A 193 -19.65 11.19 -4.47
CA GLU A 193 -19.94 10.20 -5.51
C GLU A 193 -18.70 9.40 -5.85
N THR A 194 -18.91 8.25 -6.48
CA THR A 194 -17.78 7.43 -6.89
CA THR A 194 -17.84 7.41 -6.97
C THR A 194 -16.94 8.24 -7.89
N SER A 195 -15.63 8.03 -7.80
CA SER A 195 -14.70 8.86 -8.56
CA SER A 195 -14.67 8.87 -8.49
C SER A 195 -13.53 8.03 -9.08
N ASN A 196 -13.75 7.34 -10.20
CA ASN A 196 -12.74 6.46 -10.74
C ASN A 196 -11.45 7.16 -11.15
N GLY A 197 -10.35 6.85 -10.47
CA GLY A 197 -9.05 7.41 -10.82
C GLY A 197 -8.57 8.45 -9.86
N TYR A 198 -9.45 8.86 -8.93
CA TYR A 198 -9.25 10.04 -8.08
CA TYR A 198 -9.12 9.97 -8.04
C TYR A 198 -9.75 9.78 -6.66
N ILE A 199 -9.36 10.63 -5.73
CA ILE A 199 -9.73 10.49 -4.32
C ILE A 199 -11.05 11.15 -4.01
N ASN A 200 -11.99 10.39 -3.44
CA ASN A 200 -13.24 10.91 -2.91
C ASN A 200 -13.30 10.74 -1.38
N TYR A 201 -14.45 11.12 -0.80
CA TYR A 201 -14.62 11.08 0.66
C TYR A 201 -14.39 9.67 1.20
N TRP A 202 -14.95 8.68 0.50
CA TRP A 202 -14.89 7.28 0.93
C TRP A 202 -13.46 6.78 0.93
N ALA A 203 -12.70 7.10 -0.11
CA ALA A 203 -11.29 6.75 -0.19
C ALA A 203 -10.51 7.38 0.98
N ALA A 204 -10.76 8.65 1.22
CA ALA A 204 -10.05 9.35 2.29
C ALA A 204 -10.34 8.79 3.68
N GLN A 205 -11.59 8.46 3.97
CA GLN A 205 -11.91 7.82 5.25
C GLN A 205 -11.29 6.43 5.31
N ALA A 206 -11.29 5.69 4.20
CA ALA A 206 -10.64 4.37 4.15
C ALA A 206 -9.16 4.52 4.46
N LEU A 207 -8.49 5.48 3.83
CA LEU A 207 -7.06 5.70 4.10
C LEU A 207 -6.83 6.13 5.55
N LEU A 208 -7.70 6.98 6.08
CA LEU A 208 -7.60 7.33 7.49
C LEU A 208 -7.72 6.10 8.39
N SER A 209 -8.56 5.13 8.04
CA SER A 209 -8.64 3.90 8.86
C SER A 209 -7.30 3.18 8.89
N ARG A 210 -6.59 3.15 7.77
CA ARG A 210 -5.28 2.56 7.70
C ARG A 210 -4.30 3.33 8.54
N VAL A 211 -4.30 4.67 8.39
CA VAL A 211 -3.38 5.50 9.16
C VAL A 211 -3.59 5.34 10.68
N TYR A 212 -4.82 5.54 11.13
CA TYR A 212 -5.13 5.42 12.56
C TYR A 212 -4.79 4.04 13.10
N LEU A 213 -5.08 2.99 12.35
CA LEU A 213 -4.81 1.62 12.80
C LEU A 213 -3.30 1.47 13.10
N ASN A 214 -2.46 2.01 12.23
CA ASN A 214 -0.98 1.90 12.37
C ASN A 214 -0.45 2.86 13.44
N GLY A 216 -2.19 2.78 16.27
CA GLY A 216 -2.81 2.17 17.44
C GLY A 216 -3.97 3.01 18.00
N GLU A 217 -4.49 3.91 17.16
CA GLU A 217 -5.67 4.75 17.49
C GLU A 217 -6.92 3.97 17.07
N TYR A 218 -7.22 2.95 17.86
CA TYR A 218 -8.21 1.95 17.43
C TYR A 218 -9.62 2.51 17.31
N GLN A 219 -10.08 3.32 18.28
CA GLN A 219 -11.42 3.91 18.15
C GLN A 219 -11.51 4.80 16.88
N LYS A 220 -10.51 5.65 16.64
CA LYS A 220 -10.53 6.52 15.44
CA LYS A 220 -10.56 6.53 15.45
C LYS A 220 -10.50 5.68 14.16
N ALA A 221 -9.70 4.62 14.15
CA ALA A 221 -9.67 3.71 13.01
C ALA A 221 -11.04 3.10 12.78
N TYR A 222 -11.65 2.65 13.87
CA TYR A 222 -12.97 2.03 13.81
C TYR A 222 -14.02 3.00 13.28
N ASP A 223 -14.00 4.23 13.79
CA ASP A 223 -14.96 5.23 13.33
C ASP A 223 -14.81 5.52 11.82
N ALA A 224 -13.58 5.67 11.34
CA ALA A 224 -13.36 5.92 9.92
C ALA A 224 -13.79 4.75 9.08
N ALA A 225 -13.38 3.53 9.47
CA ALA A 225 -13.71 2.34 8.68
C ALA A 225 -15.22 2.12 8.67
N THR A 226 -15.88 2.24 9.81
CA THR A 226 -17.34 2.01 9.84
C THR A 226 -18.14 3.09 9.13
N ASP A 227 -17.62 4.31 9.07
CA ASP A 227 -18.24 5.32 8.23
C ASP A 227 -18.32 4.80 6.79
N VAL A 228 -17.22 4.30 6.26
CA VAL A 228 -17.23 3.75 4.90
C VAL A 228 -18.19 2.56 4.77
N ILE A 229 -18.10 1.61 5.71
CA ILE A 229 -18.88 0.39 5.66
C ILE A 229 -20.37 0.67 5.73
N LYS A 230 -20.77 1.53 6.66
CA LYS A 230 -22.19 1.77 6.95
CA LYS A 230 -22.19 1.77 6.94
C LYS A 230 -22.85 2.81 6.04
N ASN A 231 -22.06 3.80 5.60
CA ASN A 231 -22.66 4.98 4.99
C ASN A 231 -22.37 5.25 3.53
N ASN A 232 -21.63 4.36 2.86
CA ASN A 232 -21.24 4.65 1.48
C ASN A 232 -22.41 4.71 0.50
N GLY A 233 -23.56 4.20 0.89
CA GLY A 233 -24.78 4.34 0.09
C GLY A 233 -24.88 3.39 -1.10
N GLY A 234 -24.36 2.17 -0.94
CA GLY A 234 -24.38 1.16 -1.99
C GLY A 234 -23.43 1.47 -3.14
N ARG A 235 -22.50 2.40 -2.96
CA ARG A 235 -21.57 2.75 -4.04
C ARG A 235 -20.47 1.70 -4.21
N TYR A 236 -20.23 0.92 -3.14
CA TYR A 236 -19.17 -0.10 -3.12
C TYR A 236 -19.75 -1.37 -2.52
N GLN A 237 -19.26 -2.52 -2.96
CA GLN A 237 -19.76 -3.85 -2.57
CA GLN A 237 -19.73 -3.79 -2.44
C GLN A 237 -18.61 -4.82 -2.45
N LEU A 238 -18.59 -5.65 -1.40
CA LEU A 238 -17.61 -6.73 -1.30
C LEU A 238 -17.82 -7.74 -2.45
N TYR A 239 -16.72 -8.26 -2.96
CA TYR A 239 -16.80 -9.31 -4.00
C TYR A 239 -17.40 -10.58 -3.43
N SER A 240 -18.28 -11.19 -4.20
CA SER A 240 -18.82 -12.52 -3.87
C SER A 240 -17.76 -13.58 -4.17
N TYR A 241 -17.97 -14.78 -3.65
CA TYR A 241 -17.11 -15.92 -3.92
C TYR A 241 -17.09 -16.21 -5.43
N GLU A 242 -18.27 -16.07 -6.05
CA GLU A 242 -18.47 -16.37 -7.47
CA GLU A 242 -18.45 -16.37 -7.46
C GLU A 242 -17.70 -15.39 -8.36
N GLU A 243 -17.71 -14.12 -7.98
CA GLU A 243 -17.08 -12.98 -8.70
CA GLU A 243 -17.05 -13.16 -8.87
C GLU A 243 -15.57 -12.95 -8.57
N TYR A 244 -15.09 -13.41 -7.41
CA TYR A 244 -13.73 -13.11 -6.98
C TYR A 244 -12.64 -13.45 -7.99
N PRO A 245 -12.72 -14.61 -8.65
CA PRO A 245 -11.62 -14.89 -9.60
C PRO A 245 -11.53 -13.94 -10.80
N ASN A 246 -12.65 -13.30 -11.14
CA ASN A 246 -12.79 -12.54 -12.39
C ASN A 246 -12.53 -11.05 -12.28
N VAL A 247 -12.51 -10.52 -11.07
CA VAL A 247 -12.36 -9.06 -10.91
C VAL A 247 -10.92 -8.55 -11.16
N TRP A 248 -9.94 -9.42 -10.98
CA TRP A 248 -8.54 -9.05 -11.02
C TRP A 248 -8.14 -8.64 -12.46
N GLY A 249 -7.52 -7.47 -12.54
CA GLY A 249 -7.16 -6.88 -13.83
C GLY A 249 -8.19 -5.99 -14.45
N GLN A 250 -9.44 -6.10 -14.00
CA GLN A 250 -10.54 -5.29 -14.52
C GLN A 250 -10.56 -3.95 -13.77
N ASP A 251 -10.76 -2.88 -14.51
CA ASP A 251 -10.72 -1.52 -13.93
C ASP A 251 -11.92 -1.25 -13.00
N PHE A 252 -11.66 -0.59 -11.89
CA PHE A 252 -12.70 0.04 -11.05
C PHE A 252 -13.86 -0.90 -10.69
N GLN A 253 -13.51 -2.05 -10.13
CA GLN A 253 -14.48 -3.04 -9.69
C GLN A 253 -15.03 -2.60 -8.33
N SER A 254 -16.06 -3.30 -7.87
CA SER A 254 -16.95 -2.80 -6.82
C SER A 254 -16.33 -2.57 -5.45
N GLU A 255 -15.18 -3.17 -5.16
CA GLU A 255 -14.53 -2.91 -3.89
C GLU A 255 -13.58 -1.73 -3.95
N SER A 256 -13.16 -1.32 -5.15
CA SER A 256 -12.08 -0.35 -5.30
CA SER A 256 -12.07 -0.35 -5.26
C SER A 256 -12.50 1.04 -4.82
N LEU A 257 -11.80 1.59 -3.84
CA LEU A 257 -12.15 2.90 -3.30
C LEU A 257 -11.29 4.02 -3.89
N PHE A 258 -10.02 3.75 -4.12
CA PHE A 258 -9.11 4.66 -4.83
C PHE A 258 -8.18 3.79 -5.65
N GLU A 259 -8.16 4.06 -6.96
CA GLU A 259 -7.38 3.26 -7.91
C GLU A 259 -6.90 4.19 -9.01
N LEU A 260 -5.60 4.11 -9.31
CA LEU A 260 -4.99 4.94 -10.34
C LEU A 260 -5.14 4.28 -11.70
N TYR A 261 -5.56 5.06 -12.68
CA TYR A 261 -5.83 4.58 -14.03
C TYR A 261 -4.54 4.49 -14.83
N ILE A 262 -4.33 3.33 -15.45
CA ILE A 262 -3.17 3.02 -16.26
C ILE A 262 -3.60 2.55 -17.62
N THR A 263 -2.94 3.07 -18.65
CA THR A 263 -2.95 2.44 -19.98
C THR A 263 -1.53 2.49 -20.55
N LEU A 264 -1.33 1.88 -21.72
CA LEU A 264 -0.01 1.94 -22.36
C LEU A 264 0.35 3.34 -22.88
N SER A 265 -0.61 4.27 -22.89
CA SER A 265 -0.36 5.66 -23.30
CA SER A 265 -0.36 5.66 -23.31
C SER A 265 -0.03 6.58 -22.13
N GLU A 266 -0.59 6.31 -20.95
CA GLU A 266 -0.29 7.11 -19.75
C GLU A 266 -0.24 6.24 -18.46
N PRO A 267 0.93 6.15 -17.79
CA PRO A 267 2.25 6.55 -18.27
C PRO A 267 2.57 5.88 -19.59
N SER A 268 3.48 6.49 -20.34
CA SER A 268 3.94 5.88 -21.58
C SER A 268 4.52 4.50 -21.21
N GLY A 269 4.01 3.43 -21.83
CA GLY A 269 4.45 2.07 -21.48
C GLY A 269 3.75 1.46 -20.27
N GLY A 270 2.69 2.12 -19.80
CA GLY A 270 1.97 1.63 -18.63
C GLY A 270 2.88 1.66 -17.41
N THR A 271 2.78 0.65 -16.56
CA THR A 271 3.67 0.61 -15.38
C THR A 271 5.05 0.04 -15.70
N GLY A 272 5.30 -0.36 -16.94
CA GLY A 272 6.65 -0.71 -17.37
C GLY A 272 7.16 -2.04 -16.85
N GLY A 273 8.40 -2.34 -17.21
CA GLY A 273 9.04 -3.56 -16.75
C GLY A 273 9.30 -3.59 -15.26
N GLU A 274 9.57 -2.43 -14.66
CA GLU A 274 9.80 -2.37 -13.21
C GLU A 274 8.53 -2.37 -12.42
N GLY A 275 7.39 -2.13 -13.08
CA GLY A 275 6.15 -2.10 -12.35
C GLY A 275 5.85 -3.41 -11.63
N ALA A 276 5.16 -3.32 -10.50
CA ALA A 276 4.87 -4.51 -9.72
C ALA A 276 4.23 -5.61 -10.55
N PRO A 277 3.26 -5.29 -11.42
CA PRO A 277 2.62 -6.37 -12.17
C PRO A 277 3.62 -7.18 -13.02
N VAL A 279 6.85 -7.36 -12.32
CA VAL A 279 7.76 -8.01 -11.38
C VAL A 279 7.12 -9.27 -10.76
N TYR A 280 5.80 -9.33 -10.74
CA TYR A 280 5.08 -10.56 -10.35
C TYR A 280 4.84 -11.50 -11.54
N ALA A 281 5.15 -11.09 -12.78
CA ALA A 281 4.63 -11.78 -13.95
C ALA A 281 5.15 -13.19 -14.09
N ASN A 282 4.31 -13.99 -14.70
CA ASN A 282 4.54 -15.41 -15.01
C ASN A 282 4.81 -15.46 -16.50
N GLU A 283 6.09 -15.32 -16.84
CA GLU A 283 6.50 -14.98 -18.21
C GLU A 283 6.86 -16.21 -19.02
N ALA A 284 6.67 -16.14 -20.34
CA ALA A 284 7.03 -17.25 -21.20
C ALA A 284 8.55 -17.44 -21.30
N THR A 285 9.30 -16.35 -21.07
CA THR A 285 10.76 -16.39 -20.92
C THR A 285 11.04 -15.53 -19.70
N VAL A 286 11.78 -16.06 -18.72
CA VAL A 286 12.05 -15.32 -17.48
C VAL A 286 12.76 -14.02 -17.84
N ASP A 287 12.25 -12.90 -17.35
CA ASP A 287 12.84 -11.59 -17.68
C ASP A 287 12.75 -10.64 -16.51
N TRP A 288 11.58 -10.06 -16.30
CA TRP A 288 11.38 -9.04 -15.29
C TRP A 288 11.02 -9.57 -13.92
N ASN A 289 10.50 -10.79 -13.82
CA ASN A 289 9.98 -11.24 -12.55
C ASN A 289 11.01 -11.21 -11.42
N ASN A 290 10.61 -10.72 -10.26
CA ASN A 290 11.35 -11.02 -9.05
C ASN A 290 10.52 -11.12 -7.79
N LEU A 291 9.25 -11.50 -7.94
CA LEU A 291 8.35 -11.72 -6.81
C LEU A 291 7.63 -13.03 -7.03
N ILE A 292 7.72 -13.91 -6.04
CA ILE A 292 6.97 -15.15 -6.01
C ILE A 292 6.45 -15.36 -4.61
N LEU A 293 5.45 -16.23 -4.49
CA LEU A 293 4.88 -16.58 -3.20
C LEU A 293 5.78 -17.56 -2.47
N SER A 294 5.86 -17.41 -1.14
CA SER A 294 6.64 -18.31 -0.32
C SER A 294 5.84 -19.55 0.08
N GLU A 295 6.54 -20.52 0.58
CA GLU A 295 5.88 -21.70 1.14
CA GLU A 295 5.89 -21.71 1.15
C GLU A 295 5.07 -21.32 2.39
N ASP A 296 5.52 -20.30 3.12
CA ASP A 296 4.70 -19.80 4.25
C ASP A 296 3.32 -19.42 3.77
N PHE A 297 3.22 -18.69 2.66
CA PHE A 297 1.93 -18.29 2.15
C PHE A 297 1.10 -19.46 1.65
N LEU A 298 1.70 -20.33 0.86
CA LEU A 298 0.96 -21.48 0.32
C LEU A 298 0.46 -22.36 1.45
N ASN A 299 1.31 -22.57 2.46
CA ASN A 299 0.87 -23.40 3.61
C ASN A 299 -0.32 -22.74 4.29
N LEU A 300 -0.28 -21.42 4.48
CA LEU A 300 -1.39 -20.69 5.12
C LEU A 300 -2.67 -20.85 4.30
N LEU A 301 -2.57 -20.60 3.00
CA LEU A 301 -3.77 -20.70 2.14
C LEU A 301 -4.32 -22.14 2.07
N ASN A 302 -3.43 -23.11 2.12
CA ASN A 302 -3.81 -24.51 2.10
C ASN A 302 -4.47 -25.00 3.40
N GLU A 303 -4.50 -24.15 4.44
CA GLU A 303 -5.25 -24.50 5.66
C GLU A 303 -6.75 -24.63 5.35
N ASP A 304 -7.21 -23.99 4.27
CA ASP A 304 -8.60 -24.14 3.83
C ASP A 304 -8.63 -24.44 2.32
N PRO A 305 -8.82 -25.71 1.94
CA PRO A 305 -8.88 -26.03 0.50
C PRO A 305 -10.05 -25.45 -0.26
N LYS A 306 -11.09 -24.96 0.44
CA LYS A 306 -12.29 -24.39 -0.21
C LYS A 306 -12.16 -22.87 -0.44
N ASP A 307 -11.01 -22.30 -0.09
CA ASP A 307 -10.79 -20.88 -0.19
C ASP A 307 -10.73 -20.46 -1.69
N VAL A 308 -11.56 -19.50 -2.08
CA VAL A 308 -11.55 -19.02 -3.47
C VAL A 308 -10.20 -18.42 -3.87
N ARG A 309 -9.41 -17.93 -2.92
CA ARG A 309 -8.14 -17.26 -3.24
C ARG A 309 -7.06 -18.20 -3.79
N HIS A 310 -7.31 -19.51 -3.73
CA HIS A 310 -6.46 -20.43 -4.47
C HIS A 310 -6.45 -20.13 -5.96
N CYS A 311 -7.48 -19.47 -6.47
CA CYS A 311 -7.53 -19.10 -7.89
CA CYS A 311 -7.49 -19.19 -7.90
C CYS A 311 -6.43 -18.14 -8.31
N LEU A 312 -5.84 -17.44 -7.34
CA LEU A 312 -4.81 -16.43 -7.61
C LEU A 312 -3.38 -16.97 -7.54
N THR A 313 -3.21 -18.25 -7.25
CA THR A 313 -1.88 -18.88 -7.16
C THR A 313 -1.71 -19.82 -8.38
N LYS A 314 -0.64 -19.61 -9.15
CA LYS A 314 -0.43 -20.28 -10.41
CA LYS A 314 -0.44 -20.37 -10.38
C LYS A 314 0.99 -20.87 -10.46
N GLU A 315 1.13 -22.02 -11.10
CA GLU A 315 2.41 -22.60 -11.35
C GLU A 315 3.06 -21.83 -12.54
N SER A 316 4.38 -21.85 -12.63
CA SER A 316 5.09 -21.31 -13.78
C SER A 316 4.56 -21.83 -15.10
N VAL A 317 4.32 -20.90 -16.03
CA VAL A 317 3.91 -21.28 -17.37
C VAL A 317 5.07 -21.95 -18.15
N ILE A 318 6.30 -21.72 -17.70
CA ILE A 318 7.45 -22.50 -18.18
C ILE A 318 7.56 -23.80 -17.35
N GLU A 319 7.23 -24.93 -17.94
CA GLU A 319 7.40 -26.19 -17.19
C GLU A 319 8.87 -26.45 -16.98
N ASN A 320 9.21 -26.98 -15.81
CA ASN A 320 10.58 -27.39 -15.49
C ASN A 320 11.48 -26.14 -15.49
N ASN A 321 10.94 -25.09 -14.88
CA ASN A 321 11.59 -23.78 -14.91
C ASN A 321 12.80 -23.74 -13.99
N THR A 322 14.00 -23.61 -14.56
CA THR A 322 15.22 -23.61 -13.75
C THR A 322 15.53 -22.25 -13.15
N GLY A 323 14.70 -21.23 -13.46
CA GLY A 323 14.78 -19.88 -12.88
C GLY A 323 14.11 -19.75 -11.51
N LEU A 324 13.51 -20.85 -11.04
CA LEU A 324 12.93 -20.89 -9.71
C LEU A 324 13.86 -21.66 -8.78
N PRO A 325 13.78 -21.35 -7.47
CA PRO A 325 14.41 -22.26 -6.52
C PRO A 325 13.92 -23.69 -6.79
N ALA A 326 14.78 -24.69 -6.71
CA ALA A 326 14.42 -26.08 -7.03
C ALA A 326 13.16 -26.53 -6.29
N ALA A 327 13.05 -26.21 -4.99
CA ALA A 327 11.87 -26.65 -4.23
C ALA A 327 10.55 -26.01 -4.68
N ALA A 328 10.62 -24.90 -5.40
CA ALA A 328 9.44 -24.19 -5.90
C ALA A 328 9.06 -24.57 -7.34
N HIS A 330 7.58 -26.67 -9.34
CA HIS A 330 6.20 -26.98 -9.77
C HIS A 330 5.15 -26.44 -8.74
N GLU A 331 5.56 -25.58 -7.83
CA GLU A 331 4.61 -25.04 -6.90
C GLU A 331 3.86 -23.82 -7.45
N LYS A 332 2.70 -23.53 -6.89
CA LYS A 332 1.87 -22.44 -7.36
C LYS A 332 2.32 -21.10 -6.78
N VAL A 333 3.53 -20.69 -7.17
CA VAL A 333 4.17 -19.54 -6.54
C VAL A 333 4.01 -18.22 -7.30
N TYR A 334 3.21 -18.20 -8.39
CA TYR A 334 3.00 -16.95 -9.10
C TYR A 334 1.65 -16.35 -8.67
N LEU A 335 1.66 -15.10 -8.23
CA LEU A 335 0.45 -14.41 -7.82
C LEU A 335 -0.20 -13.79 -9.04
N ALA A 336 -1.48 -14.05 -9.27
CA ALA A 336 -2.18 -13.62 -10.50
C ALA A 336 -3.16 -12.46 -10.27
N LYS A 337 -2.94 -11.64 -9.25
CA LYS A 337 -3.81 -10.51 -8.96
C LYS A 337 -3.76 -9.39 -10.00
N PHE A 338 -2.66 -9.24 -10.74
CA PHE A 338 -2.48 -8.07 -11.62
C PHE A 338 -2.15 -8.51 -13.05
N PRO A 339 -3.09 -9.20 -13.72
CA PRO A 339 -2.79 -9.77 -15.03
C PRO A 339 -2.96 -8.77 -16.20
N GLY A 340 -3.43 -7.55 -15.91
CA GLY A 340 -3.72 -6.57 -16.96
C GLY A 340 -5.17 -6.61 -17.40
N LYS A 341 -5.60 -5.59 -18.12
CA LYS A 341 -7.03 -5.44 -18.53
C LYS A 341 -7.54 -6.49 -19.48
N THR A 342 -6.63 -7.07 -20.27
CA THR A 342 -7.04 -8.15 -21.18
C THR A 342 -6.55 -9.53 -20.71
N GLY A 343 -5.93 -9.58 -19.52
CA GLY A 343 -5.54 -10.83 -18.88
C GLY A 343 -4.18 -11.38 -19.27
N ASP A 344 -3.49 -10.71 -20.20
CA ASP A 344 -2.14 -11.10 -20.64
C ASP A 344 -1.13 -9.94 -20.80
N ASP A 345 -1.45 -8.75 -20.28
CA ASP A 345 -0.69 -7.55 -20.39
CA ASP A 345 -0.42 -7.63 -20.28
C ASP A 345 -0.55 -6.86 -19.01
N PRO A 346 0.26 -7.36 -18.06
CA PRO A 346 0.26 -6.75 -16.75
C PRO A 346 0.53 -5.25 -16.70
N LYS A 347 1.27 -4.74 -17.68
CA LYS A 347 1.60 -3.31 -17.70
C LYS A 347 0.39 -2.41 -17.82
N THR A 348 -0.75 -2.98 -18.23
CA THR A 348 -1.99 -2.23 -18.32
C THR A 348 -2.86 -2.25 -17.07
N ASN A 349 -2.49 -3.02 -16.06
CA ASN A 349 -3.27 -3.15 -14.84
C ASN A 349 -3.34 -1.81 -14.14
N ASN A 350 -4.54 -1.44 -13.70
CA ASN A 350 -4.67 -0.30 -12.80
C ASN A 350 -3.99 -0.57 -11.46
N ILE A 351 -3.81 0.48 -10.67
CA ILE A 351 -3.20 0.38 -9.36
C ILE A 351 -4.24 0.70 -8.28
N CYS A 352 -4.79 -0.35 -7.67
CA CYS A 352 -5.74 -0.14 -6.60
C CYS A 352 -4.97 0.19 -5.33
N ILE A 353 -5.23 1.38 -4.80
CA ILE A 353 -4.55 1.89 -3.61
C ILE A 353 -5.21 1.40 -2.33
N ILE A 354 -6.55 1.39 -2.29
CA ILE A 354 -7.28 0.83 -1.14
C ILE A 354 -8.64 0.34 -1.61
N ARG A 355 -9.06 -0.79 -1.06
CA ARG A 355 -10.35 -1.37 -1.40
C ARG A 355 -11.13 -1.82 -0.15
N LEU A 356 -12.40 -2.10 -0.37
CA LEU A 356 -13.34 -2.29 0.71
C LEU A 356 -12.93 -3.45 1.63
N SER A 357 -12.38 -4.56 1.11
CA SER A 357 -12.02 -5.67 2.00
C SER A 357 -11.05 -5.20 3.11
N GLU A 358 -10.11 -4.30 2.75
CA GLU A 358 -9.16 -3.82 3.75
C GLU A 358 -9.89 -3.06 4.83
N VAL A 359 -10.90 -2.29 4.42
CA VAL A 359 -11.65 -1.45 5.35
C VAL A 359 -12.40 -2.33 6.36
N TYR A 360 -13.04 -3.40 5.90
CA TYR A 360 -13.70 -4.35 6.79
C TYR A 360 -12.68 -4.99 7.76
N LEU A 361 -11.52 -5.37 7.26
CA LEU A 361 -10.47 -5.99 8.07
C LEU A 361 -9.90 -5.00 9.10
N ASN A 362 -9.74 -3.74 8.69
CA ASN A 362 -9.32 -2.66 9.60
C ASN A 362 -10.32 -2.49 10.71
N ALA A 363 -11.62 -2.48 10.38
CA ALA A 363 -12.65 -2.42 11.42
C ALA A 363 -12.58 -3.62 12.37
N ALA A 364 -12.43 -4.82 11.83
CA ALA A 364 -12.39 -6.00 12.66
C ALA A 364 -11.22 -5.94 13.66
N GLU A 365 -10.05 -5.57 13.16
CA GLU A 365 -8.84 -5.49 13.98
C GLU A 365 -8.97 -4.34 15.02
N ALA A 366 -9.43 -3.17 14.58
CA ALA A 366 -9.59 -2.05 15.49
C ALA A 366 -10.60 -2.37 16.59
N GLY A 367 -11.68 -3.07 16.25
CA GLY A 367 -12.69 -3.43 17.22
C GLY A 367 -12.16 -4.39 18.29
N LEU A 368 -11.50 -5.45 17.83
CA LEU A 368 -10.93 -6.42 18.74
C LEU A 368 -9.91 -5.77 19.66
N LYS A 369 -9.03 -4.93 19.10
CA LYS A 369 -7.99 -4.27 19.89
C LYS A 369 -8.55 -3.29 20.91
N LYS A 370 -9.63 -2.58 20.57
CA LYS A 370 -10.18 -1.57 21.50
C LYS A 370 -11.08 -2.18 22.56
N GLY A 371 -11.56 -3.40 22.32
CA GLY A 371 -12.29 -4.16 23.33
C GLY A 371 -13.77 -3.84 23.49
N THR A 372 -14.30 -3.04 22.58
CA THR A 372 -15.72 -2.73 22.51
C THR A 372 -16.18 -2.82 21.07
N ASP A 373 -17.49 -2.86 20.87
CA ASP A 373 -18.09 -3.19 19.56
C ASP A 373 -17.61 -4.53 19.04
N ILE A 374 -17.36 -5.48 19.95
CA ILE A 374 -16.75 -6.74 19.60
C ILE A 374 -17.61 -7.57 18.64
N GLU A 375 -18.91 -7.72 18.94
CA GLU A 375 -19.78 -8.50 18.07
C GLU A 375 -19.87 -7.90 16.67
N GLU A 376 -19.97 -6.58 16.58
CA GLU A 376 -20.00 -5.90 15.29
C GLU A 376 -18.70 -6.13 14.52
N ALA A 377 -17.58 -5.98 15.22
CA ALA A 377 -16.26 -6.22 14.65
C ALA A 377 -16.06 -7.65 14.11
N GLN A 378 -16.51 -8.62 14.90
CA GLN A 378 -16.46 -10.03 14.52
C GLN A 378 -17.28 -10.26 13.24
N GLY A 379 -18.40 -9.57 13.15
CA GLY A 379 -19.26 -9.61 11.96
C GLY A 379 -18.51 -9.17 10.73
N TYR A 380 -17.69 -8.12 10.87
CA TYR A 380 -16.96 -7.63 9.70
C TYR A 380 -15.90 -8.62 9.23
N LEU A 381 -15.24 -9.29 10.16
CA LEU A 381 -14.32 -10.37 9.79
C LEU A 381 -15.08 -11.46 9.04
N ASN A 382 -16.25 -11.83 9.56
CA ASN A 382 -17.06 -12.87 8.94
C ASN A 382 -17.62 -12.46 7.56
N ASP A 383 -17.80 -11.15 7.35
CA ASP A 383 -18.19 -10.64 6.01
C ASP A 383 -17.14 -10.97 4.97
N ILE A 384 -15.90 -11.01 5.36
CA ILE A 384 -14.82 -11.41 4.45
C ILE A 384 -14.78 -12.92 4.36
N ILE A 385 -14.63 -13.60 5.49
CA ILE A 385 -14.52 -15.07 5.50
C ILE A 385 -15.65 -15.72 4.71
N SER A 386 -16.89 -15.30 4.97
CA SER A 386 -18.07 -15.94 4.35
C SER A 386 -18.13 -15.76 2.84
N ARG A 387 -17.42 -14.75 2.32
CA ARG A 387 -17.35 -14.49 0.88
C ARG A 387 -16.10 -15.05 0.22
N ARG A 388 -15.30 -15.80 0.98
CA ARG A 388 -14.05 -16.34 0.46
C ARG A 388 -13.92 -17.86 0.59
N THR A 389 -14.84 -18.46 1.32
CA THR A 389 -14.85 -19.91 1.48
C THR A 389 -16.26 -20.45 1.59
N THR A 390 -16.45 -21.70 1.23
CA THR A 390 -17.73 -22.37 1.47
C THR A 390 -17.77 -23.15 2.78
N ASP A 391 -16.65 -23.19 3.50
CA ASP A 391 -16.58 -23.94 4.76
C ASP A 391 -17.10 -22.99 5.86
N THR A 392 -18.32 -23.24 6.33
CA THR A 392 -18.96 -22.34 7.31
C THR A 392 -18.26 -22.31 8.68
N SER A 393 -17.58 -23.40 9.02
CA SER A 393 -16.83 -23.46 10.29
C SER A 393 -15.63 -22.54 10.31
N GLN A 394 -15.25 -21.95 9.18
CA GLN A 394 -14.17 -20.95 9.15
C GLN A 394 -14.60 -19.65 9.78
N GLN A 395 -15.89 -19.36 9.78
CA GLN A 395 -16.39 -18.15 10.42
C GLN A 395 -16.17 -18.21 11.93
N VAL A 396 -15.92 -17.04 12.51
CA VAL A 396 -15.60 -16.95 13.93
C VAL A 396 -16.81 -16.66 14.81
N SER A 397 -16.75 -17.20 16.01
CA SER A 397 -17.59 -16.81 17.14
C SER A 397 -16.76 -15.90 18.03
N THR A 398 -17.36 -15.38 19.11
CA THR A 398 -16.59 -14.54 20.05
C THR A 398 -15.37 -15.28 20.59
N GLU A 399 -15.51 -16.58 20.85
CA GLU A 399 -14.39 -17.39 21.35
CA GLU A 399 -14.40 -17.42 21.33
C GLU A 399 -13.25 -17.57 20.36
N THR A 400 -13.55 -17.65 19.05
CA THR A 400 -12.53 -17.88 18.03
C THR A 400 -12.12 -16.59 17.30
N PHE A 401 -12.72 -15.48 17.70
CA PHE A 401 -12.37 -14.17 17.17
C PHE A 401 -11.12 -13.65 17.87
N THR A 402 -9.96 -14.04 17.34
CA THR A 402 -8.67 -13.69 17.92
C THR A 402 -7.89 -12.78 16.96
N LEU A 403 -6.90 -12.08 17.47
CA LEU A 403 -6.03 -11.29 16.61
C LEU A 403 -5.35 -12.15 15.55
N ASP A 404 -4.83 -13.32 15.93
CA ASP A 404 -4.16 -14.17 14.95
C ASP A 404 -5.11 -14.53 13.83
N ARG A 405 -6.37 -14.82 14.17
CA ARG A 405 -7.32 -15.15 13.11
C ARG A 405 -7.56 -14.00 12.13
N ILE A 406 -7.62 -12.77 12.63
CA ILE A 406 -7.73 -11.61 11.78
C ILE A 406 -6.50 -11.43 10.90
N LEU A 407 -5.33 -11.56 11.52
CA LEU A 407 -4.07 -11.37 10.79
C LEU A 407 -3.85 -12.42 9.71
N LYS A 408 -4.22 -13.68 10.01
CA LYS A 408 -4.27 -14.71 8.96
C LYS A 408 -5.19 -14.32 7.80
N GLU A 409 -6.38 -13.84 8.09
CA GLU A 409 -7.29 -13.45 7.02
C GLU A 409 -6.74 -12.31 6.20
N ARG A 410 -6.09 -11.34 6.85
CA ARG A 410 -5.46 -10.24 6.12
C ARG A 410 -4.37 -10.70 5.20
N ARG A 411 -3.56 -11.66 5.65
CA ARG A 411 -2.49 -12.20 4.81
C ARG A 411 -3.09 -12.86 3.56
N LYS A 412 -4.17 -13.61 3.75
CA LYS A 412 -4.81 -14.29 2.61
C LYS A 412 -5.45 -13.25 1.65
N GLU A 413 -6.12 -12.25 2.19
CA GLU A 413 -6.91 -11.32 1.41
C GLU A 413 -6.06 -10.27 0.71
N LEU A 414 -5.02 -9.79 1.38
CA LEU A 414 -4.30 -8.59 0.93
C LEU A 414 -2.90 -8.87 0.40
N VAL A 415 -2.60 -10.15 0.19
CA VAL A 415 -1.31 -10.52 -0.40
C VAL A 415 -1.10 -9.75 -1.71
N GLY A 416 0.06 -9.12 -1.87
CA GLY A 416 0.35 -8.39 -3.10
C GLY A 416 -0.11 -6.95 -3.11
N GLU A 417 -0.76 -6.49 -2.05
CA GLU A 417 -1.36 -5.16 -2.00
C GLU A 417 -0.66 -4.18 -1.05
N GLY A 418 0.53 -4.55 -0.62
CA GLY A 418 1.44 -3.60 -0.02
C GLY A 418 1.28 -3.28 1.45
N GLU A 419 0.46 -4.05 2.19
CA GLU A 419 0.16 -3.71 3.58
C GLU A 419 0.59 -4.74 4.62
N VAL A 420 0.74 -6.00 4.26
CA VAL A 420 0.95 -7.04 5.26
C VAL A 420 2.13 -6.81 6.21
N PHE A 421 3.23 -6.26 5.72
CA PHE A 421 4.35 -5.93 6.61
C PHE A 421 3.92 -5.18 7.86
N TYR A 422 3.09 -4.16 7.63
CA TYR A 422 2.63 -3.27 8.71
C TYR A 422 1.75 -3.99 9.72
N ASP A 423 1.06 -5.05 9.28
CA ASP A 423 0.28 -5.91 10.20
C ASP A 423 1.16 -6.47 11.30
N TYR A 424 2.37 -6.91 10.94
CA TYR A 424 3.29 -7.43 11.93
C TYR A 424 3.79 -6.28 12.80
N LEU A 425 4.22 -5.17 12.16
CA LEU A 425 4.87 -4.10 12.89
C LEU A 425 3.95 -3.53 13.97
N ARG A 426 2.72 -3.18 13.60
CA ARG A 426 1.85 -2.52 14.58
C ARG A 426 1.38 -3.42 15.70
N ASN A 427 1.53 -4.74 15.51
CA ASN A 427 1.23 -5.71 16.51
C ASN A 427 2.44 -6.25 17.28
N GLY A 428 3.61 -5.67 17.04
CA GLY A 428 4.84 -6.08 17.72
C GLY A 428 5.30 -7.49 17.43
N LEU A 429 4.95 -7.98 16.24
CA LEU A 429 5.16 -9.39 15.91
C LEU A 429 6.43 -9.55 15.09
N ALA A 430 7.20 -10.56 15.42
CA ALA A 430 8.36 -10.95 14.60
C ALA A 430 7.90 -11.57 13.29
N ILE A 431 8.66 -11.25 12.26
CA ILE A 431 8.46 -11.75 10.89
C ILE A 431 9.44 -12.88 10.69
N GLU A 432 8.97 -14.10 10.43
CA GLU A 432 9.85 -15.26 10.24
CA GLU A 432 9.83 -15.27 10.24
C GLU A 432 9.62 -15.82 8.83
N ARG A 433 10.70 -15.91 8.07
CA ARG A 433 10.69 -16.52 6.74
C ARG A 433 11.08 -17.99 6.91
N LYS A 434 10.08 -18.87 7.01
CA LYS A 434 10.30 -20.26 7.35
C LYS A 434 10.23 -21.23 6.17
N GLY A 435 9.58 -20.77 5.10
CA GLY A 435 9.34 -21.58 3.93
C GLY A 435 10.60 -22.07 3.27
N SER A 436 10.54 -23.27 2.69
CA SER A 436 11.72 -23.98 2.21
C SER A 436 12.39 -23.38 0.98
N TRP A 437 11.71 -22.50 0.24
CA TRP A 437 12.36 -21.84 -0.88
C TRP A 437 12.70 -20.39 -0.68
N HIS A 438 12.64 -19.88 0.54
CA HIS A 438 13.25 -18.61 0.80
C HIS A 438 14.71 -18.67 0.38
N LEU A 439 15.20 -17.50 -0.02
CA LEU A 439 16.54 -17.47 -0.58
C LEU A 439 17.61 -17.67 0.49
N GLU A 440 18.73 -18.27 0.10
CA GLU A 440 19.83 -18.49 1.02
C GLU A 440 20.47 -17.19 1.50
N THR A 441 20.31 -16.13 0.74
CA THR A 441 20.83 -14.83 1.16
C THR A 441 20.26 -14.35 2.50
N LEU A 442 19.07 -14.83 2.91
CA LEU A 442 18.53 -14.42 4.23
C LEU A 442 19.43 -14.90 5.37
N LYS A 443 20.15 -16.00 5.21
CA LYS A 443 21.10 -16.46 6.23
C LYS A 443 22.27 -15.48 6.36
N ALA A 444 22.94 -15.17 5.25
CA ALA A 444 24.09 -14.25 5.28
C ALA A 444 23.68 -12.85 5.72
N SER A 445 22.46 -12.43 5.38
CA SER A 445 22.00 -11.08 5.73
CA SER A 445 21.97 -11.09 5.72
C SER A 445 21.25 -11.03 7.06
N ASN A 446 21.17 -12.15 7.76
CA ASN A 446 20.48 -12.20 9.07
C ASN A 446 19.05 -11.69 8.96
N ALA A 447 18.32 -12.20 7.98
CA ALA A 447 16.98 -11.76 7.74
C ALA A 447 15.99 -12.92 7.64
N GLN A 448 16.30 -14.01 8.32
CA GLN A 448 15.31 -15.09 8.47
C GLN A 448 14.23 -14.69 9.50
N LYS A 449 14.63 -13.90 10.49
CA LYS A 449 13.72 -13.39 11.54
C LYS A 449 13.97 -11.90 11.67
N ILE A 450 12.91 -11.13 11.64
CA ILE A 450 12.99 -9.66 11.87
C ILE A 450 12.00 -9.30 12.98
N GLU A 451 12.54 -8.85 14.11
CA GLU A 451 11.69 -8.29 15.17
CA GLU A 451 11.73 -8.27 15.19
C GLU A 451 11.16 -6.92 14.78
N ALA A 452 10.01 -6.55 15.36
CA ALA A 452 9.37 -5.26 15.05
C ALA A 452 10.15 -4.05 15.58
N THR A 453 11.14 -4.33 16.39
CA THR A 453 12.09 -3.34 16.92
C THR A 453 13.44 -3.39 16.20
N ASP A 454 13.57 -4.20 15.16
CA ASP A 454 14.85 -4.28 14.45
C ASP A 454 15.16 -2.93 13.78
N LEU A 455 16.37 -2.42 14.01
CA LEU A 455 16.77 -1.13 13.44
C LEU A 455 16.61 -1.14 11.94
N ARG A 456 16.75 -2.30 11.29
CA ARG A 456 16.67 -2.35 9.82
C ARG A 456 15.27 -2.15 9.24
N ILE A 457 14.24 -2.12 10.09
CA ILE A 457 12.90 -1.82 9.62
CA ILE A 457 12.88 -1.83 9.67
C ILE A 457 12.83 -0.44 9.01
N ALA A 458 13.51 0.55 9.62
CA ALA A 458 13.59 1.89 9.08
C ALA A 458 14.66 1.89 7.99
N LEU A 459 14.20 2.14 6.77
CA LEU A 459 15.14 2.21 5.63
C LEU A 459 16.13 3.32 5.85
N PRO A 460 17.33 3.19 5.29
CA PRO A 460 18.27 4.30 5.39
C PRO A 460 17.78 5.53 4.63
N ILE A 461 17.99 6.68 5.24
CA ILE A 461 17.79 7.96 4.59
C ILE A 461 18.80 8.00 3.41
N PRO A 462 18.40 8.52 2.25
CA PRO A 462 19.34 8.55 1.13
C PRO A 462 20.63 9.23 1.49
N GLN A 463 21.74 8.68 1.02
CA GLN A 463 23.02 9.28 1.26
C GLN A 463 23.13 10.69 0.69
N SER A 464 22.39 10.93 -0.40
CA SER A 464 22.34 12.27 -1.01
C SER A 464 21.89 13.29 0.03
N GLU A 465 20.88 12.94 0.83
CA GLU A 465 20.44 13.83 1.92
C GLU A 465 21.45 14.01 3.02
N ILE A 466 22.06 12.91 3.44
CA ILE A 466 23.07 12.95 4.48
C ILE A 466 24.27 13.81 4.08
N ASP A 467 24.72 13.64 2.85
CA ASP A 467 25.87 14.38 2.34
C ASP A 467 25.57 15.89 2.26
N ALA A 468 24.33 16.22 1.87
CA ALA A 468 23.93 17.61 1.54
C ALA A 468 23.48 18.45 2.74
N ASN A 469 22.91 17.80 3.74
CA ASN A 469 22.16 18.51 4.81
C ASN A 469 22.63 17.90 6.16
N PRO A 470 23.55 18.58 6.85
CA PRO A 470 24.05 18.09 8.14
C PRO A 470 22.98 18.00 9.26
N ASN A 471 21.81 18.61 9.06
CA ASN A 471 20.70 18.56 10.01
C ASN A 471 19.88 17.28 9.91
N ILE A 472 20.14 16.48 8.87
CA ILE A 472 19.41 15.22 8.67
C ILE A 472 20.24 14.09 9.25
N GLN A 473 19.71 13.45 10.28
CA GLN A 473 20.36 12.33 10.92
C GLN A 473 20.02 11.04 10.17
N GLN A 474 20.99 10.15 10.07
CA GLN A 474 20.74 8.82 9.50
C GLN A 474 20.08 7.92 10.56
N ASN A 475 19.29 6.99 10.08
CA ASN A 475 18.76 5.91 10.92
C ASN A 475 19.89 5.03 11.43
N PRO A 476 19.86 4.67 12.71
CA PRO A 476 20.91 3.79 13.22
C PRO A 476 20.88 2.38 12.65
N ARG A 477 22.04 1.75 12.69
CA ARG A 477 22.21 0.38 12.33
C ARG A 477 23.01 -0.34 13.39
#